data_1FOR
#
_entry.id   1FOR
#
_cell.length_a   37.800
_cell.length_b   97.300
_cell.length_c   129.500
_cell.angle_alpha   90.00
_cell.angle_beta   90.00
_cell.angle_gamma   90.00
#
_symmetry.space_group_name_H-M   'P 21 21 21'
#
loop_
_entity.id
_entity.type
_entity.pdbx_description
1 polymer 'IGG2A-KAPPA 17-IA FAB (LIGHT CHAIN)'
2 polymer 'IGG2A-KAPPA 17-IA FAB (HEAVY CHAIN)'
3 water water
#
loop_
_entity_poly.entity_id
_entity_poly.type
_entity_poly.pdbx_seq_one_letter_code
_entity_poly.pdbx_strand_id
1 'polypeptide(L)'
;QIVLTQSPAIMSAFPGEKVTITCSATSSVNYMHWFQQKPGTSPKLWIYSSSNLASGVPARFSGSGSGTSYSLTISRMEAE
DAATYYCQQRSSYPITFGSGTKLEIKRADAAPTVSIFPPSSEQLTSGGASVVCFLNNFYPKDINVKWKIDGSERQNGVLN
SWTDQDSKDSTYSMSSTLTLTKDEYERHNSYTCEATHKTSTSPIVKSFNR
;
L
2 'polypeptide(L)'
;QGQLQQSGAELVRPGSSVKISCKASGYAFSSFWVNWVKQRPGQGLEWIGQIYPGDGDNKYNGKFKGKATLTADKSSTTAY
MQLYSLTSEDSAVYFCARSGNYPYAMDYWGQGTSVTVSSAKTTAPSVYPLAPVCGGTTGSSVTLGCLVKGYFPEPVTLTW
NSGSLSSGVHTFPAVLQSGLYTLSSSVTVTSSTWPSQTITCNVAHPASSTKVDKKIEPR
;
H
#
# COMPACT_ATOMS: atom_id res chain seq x y z
N GLN A 1 -28.34 4.77 8.97
CA GLN A 1 -27.42 3.79 9.61
C GLN A 1 -27.52 2.39 9.03
N ILE A 2 -27.66 2.29 7.71
CA ILE A 2 -27.74 0.97 7.07
C ILE A 2 -26.32 0.44 6.99
N VAL A 3 -26.08 -0.69 7.65
CA VAL A 3 -24.76 -1.31 7.65
C VAL A 3 -24.72 -2.41 6.59
N LEU A 4 -23.74 -2.34 5.69
CA LEU A 4 -23.60 -3.34 4.63
C LEU A 4 -22.46 -4.34 4.98
N THR A 5 -22.83 -5.60 5.22
CA THR A 5 -21.87 -6.65 5.57
C THR A 5 -21.42 -7.44 4.36
N GLN A 6 -20.10 -7.51 4.12
CA GLN A 6 -19.54 -8.24 2.99
C GLN A 6 -18.91 -9.60 3.33
N SER A 7 -19.32 -10.65 2.60
CA SER A 7 -18.80 -11.99 2.81
C SER A 7 -18.30 -12.61 1.51
N PRO A 8 -17.09 -13.21 1.53
CA PRO A 8 -16.18 -13.32 2.68
C PRO A 8 -15.26 -12.10 2.79
N ALA A 9 -14.61 -11.93 3.94
CA ALA A 9 -13.70 -10.80 4.15
C ALA A 9 -12.43 -10.93 3.31
N ILE A 10 -12.05 -12.16 2.99
CA ILE A 10 -10.87 -12.43 2.16
C ILE A 10 -11.01 -13.83 1.57
N MET A 11 -10.46 -14.02 0.37
CA MET A 11 -10.52 -15.32 -0.32
C MET A 11 -9.57 -15.38 -1.51
N SER A 12 -9.20 -16.60 -1.90
CA SER A 12 -8.29 -16.78 -3.04
C SER A 12 -8.92 -17.75 -4.04
N ALA A 13 -8.54 -17.60 -5.31
CA ALA A 13 -9.08 -18.46 -6.36
C ALA A 13 -8.07 -18.69 -7.47
N PHE A 14 -8.04 -19.93 -7.95
CA PHE A 14 -7.15 -20.30 -9.05
C PHE A 14 -7.80 -19.75 -10.31
N PRO A 15 -6.99 -19.38 -11.33
CA PRO A 15 -7.65 -18.86 -12.52
C PRO A 15 -8.55 -19.94 -13.13
N GLY A 16 -9.71 -19.54 -13.60
CA GLY A 16 -10.66 -20.47 -14.20
C GLY A 16 -11.83 -20.74 -13.29
N GLU A 17 -11.67 -20.45 -12.00
CA GLU A 17 -12.75 -20.68 -11.03
C GLU A 17 -13.84 -19.60 -11.08
N LYS A 18 -15.03 -19.94 -10.60
CA LYS A 18 -16.13 -19.01 -10.55
C LYS A 18 -16.18 -18.43 -9.14
N VAL A 19 -16.19 -17.10 -9.02
CA VAL A 19 -16.21 -16.43 -7.72
C VAL A 19 -17.53 -15.68 -7.51
N THR A 20 -18.06 -15.74 -6.28
CA THR A 20 -19.31 -15.04 -5.94
C THR A 20 -19.22 -14.37 -4.58
N ILE A 21 -19.12 -13.04 -4.60
CA ILE A 21 -19.03 -12.19 -3.41
C ILE A 21 -20.44 -11.69 -3.08
N THR A 22 -20.76 -11.52 -1.80
CA THR A 22 -22.09 -11.02 -1.45
C THR A 22 -22.07 -9.79 -0.53
N CYS A 23 -23.09 -8.94 -0.70
CA CYS A 23 -23.24 -7.71 0.07
C CYS A 23 -24.67 -7.75 0.62
N SER A 24 -24.82 -7.54 1.93
CA SER A 24 -26.12 -7.58 2.57
C SER A 24 -26.38 -6.41 3.52
N ALA A 25 -27.51 -5.73 3.30
CA ALA A 25 -27.89 -4.58 4.12
C ALA A 25 -28.86 -4.92 5.23
N THR A 26 -28.97 -4.02 6.19
CA THR A 26 -29.87 -4.19 7.34
C THR A 26 -31.31 -3.82 6.98
N SER A 27 -31.51 -3.19 5.83
CA SER A 27 -32.84 -2.80 5.36
C SER A 27 -32.88 -2.67 3.84
N SER A 28 -34.06 -2.90 3.28
CA SER A 28 -34.28 -2.83 1.85
C SER A 28 -33.59 -1.60 1.26
N VAL A 29 -33.00 -1.78 0.10
CA VAL A 29 -32.27 -0.72 -0.60
C VAL A 29 -32.74 -0.83 -2.05
N ASN A 30 -32.80 0.29 -2.76
CA ASN A 30 -33.25 0.26 -4.14
C ASN A 30 -32.25 -0.34 -5.12
N TYR A 31 -30.95 -0.16 -4.83
CA TYR A 31 -29.86 -0.69 -5.65
C TYR A 31 -28.51 -0.50 -4.97
N MET A 32 -27.49 -1.21 -5.48
CA MET A 32 -26.13 -1.16 -4.97
C MET A 32 -25.18 -0.91 -6.12
N HIS A 33 -24.13 -0.12 -5.86
CA HIS A 33 -23.09 0.11 -6.87
C HIS A 33 -21.90 -0.71 -6.34
N TRP A 34 -20.95 -1.01 -7.22
CA TRP A 34 -19.77 -1.77 -6.83
C TRP A 34 -18.53 -1.08 -7.38
N PHE A 35 -17.47 -1.06 -6.58
CA PHE A 35 -16.20 -0.45 -6.95
C PHE A 35 -15.10 -1.50 -6.77
N GLN A 36 -13.98 -1.31 -7.46
CA GLN A 36 -12.83 -2.20 -7.39
C GLN A 36 -11.60 -1.36 -7.09
N GLN A 37 -10.76 -1.80 -6.16
CA GLN A 37 -9.57 -1.04 -5.81
C GLN A 37 -8.29 -1.84 -5.68
N LYS A 38 -7.41 -1.67 -6.66
CA LYS A 38 -6.12 -2.33 -6.67
C LYS A 38 -5.22 -1.56 -5.71
N PRO A 39 -4.36 -2.27 -4.96
CA PRO A 39 -3.47 -1.59 -4.00
C PRO A 39 -2.71 -0.38 -4.55
N GLY A 40 -2.83 0.73 -3.83
CA GLY A 40 -2.15 1.96 -4.21
C GLY A 40 -2.82 2.87 -5.21
N THR A 41 -4.10 2.69 -5.47
CA THR A 41 -4.80 3.55 -6.42
C THR A 41 -6.21 3.95 -5.96
N SER A 42 -6.83 4.84 -6.71
CA SER A 42 -8.18 5.29 -6.41
C SER A 42 -9.18 4.28 -6.95
N PRO A 43 -10.25 4.02 -6.19
CA PRO A 43 -11.29 3.07 -6.59
C PRO A 43 -11.89 3.40 -7.96
N LYS A 44 -12.44 2.39 -8.62
CA LYS A 44 -13.07 2.53 -9.93
C LYS A 44 -14.52 2.07 -9.84
N LEU A 45 -15.39 2.65 -10.65
CA LEU A 45 -16.79 2.24 -10.69
C LEU A 45 -16.73 0.92 -11.46
N TRP A 46 -17.33 -0.13 -10.91
CA TRP A 46 -17.33 -1.42 -11.55
C TRP A 46 -18.69 -1.85 -12.09
N ILE A 47 -19.71 -1.72 -11.26
CA ILE A 47 -21.08 -2.09 -11.62
C ILE A 47 -22.04 -1.07 -11.03
N TYR A 48 -22.84 -0.43 -11.87
CA TYR A 48 -23.83 0.53 -11.39
C TYR A 48 -25.25 -0.02 -11.43
N SER A 49 -26.03 0.39 -10.45
CA SER A 49 -27.41 -0.04 -10.30
C SER A 49 -27.57 -1.57 -10.37
N SER A 50 -26.80 -2.26 -9.53
CA SER A 50 -26.86 -3.71 -9.42
C SER A 50 -26.36 -4.58 -10.58
N SER A 51 -26.74 -4.28 -11.82
CA SER A 51 -26.32 -5.15 -12.92
C SER A 51 -25.73 -4.50 -14.14
N ASN A 52 -25.62 -3.18 -14.15
CA ASN A 52 -25.07 -2.53 -15.33
C ASN A 52 -23.56 -2.41 -15.20
N LEU A 53 -22.83 -3.07 -16.09
CA LEU A 53 -21.37 -3.01 -16.04
C LEU A 53 -20.96 -1.60 -16.40
N ALA A 54 -19.95 -1.07 -15.72
CA ALA A 54 -19.46 0.26 -16.02
C ALA A 54 -18.66 0.20 -17.32
N SER A 55 -17.89 1.23 -17.61
CA SER A 55 -17.13 1.26 -18.86
C SER A 55 -15.80 0.53 -18.81
N GLY A 56 -15.63 -0.43 -19.71
CA GLY A 56 -14.38 -1.18 -19.77
C GLY A 56 -14.27 -2.45 -18.96
N VAL A 57 -15.31 -2.83 -18.21
CA VAL A 57 -15.24 -4.06 -17.43
C VAL A 57 -15.67 -5.24 -18.30
N PRO A 58 -14.86 -6.31 -18.34
CA PRO A 58 -15.14 -7.51 -19.13
C PRO A 58 -16.44 -8.23 -18.79
N ALA A 59 -16.90 -9.06 -19.72
CA ALA A 59 -18.16 -9.80 -19.61
C ALA A 59 -18.24 -10.90 -18.56
N ARG A 60 -17.13 -11.21 -17.92
CA ARG A 60 -17.16 -12.25 -16.90
C ARG A 60 -17.82 -11.81 -15.60
N PHE A 61 -18.01 -10.49 -15.45
CA PHE A 61 -18.64 -9.91 -14.27
C PHE A 61 -20.15 -9.74 -14.39
N SER A 62 -20.84 -9.92 -13.28
CA SER A 62 -22.30 -9.76 -13.26
C SER A 62 -22.81 -9.56 -11.84
N GLY A 63 -23.90 -8.82 -11.70
CA GLY A 63 -24.45 -8.57 -10.39
C GLY A 63 -25.95 -8.79 -10.36
N SER A 64 -26.53 -8.74 -9.17
CA SER A 64 -27.95 -8.94 -8.99
C SER A 64 -28.32 -8.92 -7.52
N GLY A 65 -29.61 -8.72 -7.25
CA GLY A 65 -30.10 -8.67 -5.89
C GLY A 65 -31.32 -7.77 -5.81
N SER A 66 -31.86 -7.67 -4.60
CA SER A 66 -33.03 -6.84 -4.33
C SER A 66 -33.27 -6.86 -2.84
N GLY A 67 -33.91 -5.81 -2.34
CA GLY A 67 -34.19 -5.73 -0.92
C GLY A 67 -32.92 -5.55 -0.12
N THR A 68 -32.48 -6.62 0.52
CA THR A 68 -31.28 -6.56 1.35
C THR A 68 -30.07 -7.31 0.81
N SER A 69 -30.27 -8.34 0.01
CA SER A 69 -29.15 -9.10 -0.53
C SER A 69 -28.85 -8.88 -2.01
N TYR A 70 -27.58 -8.63 -2.31
CA TYR A 70 -27.05 -8.41 -3.67
C TYR A 70 -25.71 -9.16 -3.72
N SER A 71 -25.23 -9.49 -4.92
CA SER A 71 -23.96 -10.19 -5.07
C SER A 71 -23.25 -9.89 -6.39
N LEU A 72 -21.94 -10.17 -6.44
CA LEU A 72 -21.11 -9.96 -7.62
C LEU A 72 -20.54 -11.33 -8.03
N THR A 73 -20.47 -11.59 -9.33
CA THR A 73 -19.98 -12.88 -9.80
C THR A 73 -19.04 -12.76 -11.01
N ILE A 74 -18.01 -13.60 -10.99
CA ILE A 74 -17.02 -13.66 -12.05
C ILE A 74 -17.13 -15.12 -12.54
N SER A 75 -17.46 -15.29 -13.82
CA SER A 75 -17.62 -16.62 -14.39
C SER A 75 -16.32 -17.43 -14.29
N ARG A 76 -15.23 -16.85 -14.78
CA ARG A 76 -13.93 -17.50 -14.74
C ARG A 76 -12.83 -16.54 -14.33
N MET A 77 -12.26 -16.81 -13.14
CA MET A 77 -11.20 -16.01 -12.55
C MET A 77 -10.01 -15.80 -13.49
N GLU A 78 -9.38 -14.64 -13.36
CA GLU A 78 -8.22 -14.28 -14.17
C GLU A 78 -7.30 -13.44 -13.27
N ALA A 79 -5.99 -13.57 -13.44
CA ALA A 79 -5.03 -12.85 -12.63
C ALA A 79 -5.32 -11.36 -12.37
N GLU A 80 -5.67 -10.63 -13.43
CA GLU A 80 -5.95 -9.20 -13.30
C GLU A 80 -7.24 -8.84 -12.55
N ASP A 81 -7.99 -9.82 -12.07
CA ASP A 81 -9.22 -9.55 -11.33
C ASP A 81 -8.95 -9.44 -9.83
N ALA A 82 -7.68 -9.58 -9.44
CA ALA A 82 -7.28 -9.51 -8.04
C ALA A 82 -7.27 -8.09 -7.47
N ALA A 83 -8.12 -7.85 -6.49
CA ALA A 83 -8.24 -6.56 -5.85
C ALA A 83 -9.29 -6.60 -4.76
N THR A 84 -9.56 -5.45 -4.17
CA THR A 84 -10.57 -5.37 -3.14
C THR A 84 -11.85 -4.78 -3.79
N TYR A 85 -12.99 -5.40 -3.48
CA TYR A 85 -14.27 -4.97 -4.04
C TYR A 85 -15.18 -4.42 -2.96
N TYR A 86 -15.65 -3.20 -3.15
CA TYR A 86 -16.53 -2.55 -2.18
C TYR A 86 -17.91 -2.41 -2.78
N CYS A 87 -18.94 -2.66 -1.98
CA CYS A 87 -20.32 -2.49 -2.41
C CYS A 87 -20.78 -1.20 -1.72
N GLN A 88 -21.60 -0.40 -2.41
CA GLN A 88 -22.05 0.88 -1.85
C GLN A 88 -23.55 1.14 -1.91
N GLN A 89 -24.08 1.62 -0.79
CA GLN A 89 -25.49 1.98 -0.61
C GLN A 89 -25.64 3.50 -0.67
N ARG A 90 -26.65 3.98 -1.39
CA ARG A 90 -26.89 5.41 -1.49
C ARG A 90 -28.38 5.76 -1.52
N SER A 91 -29.21 4.84 -1.02
CA SER A 91 -30.65 5.08 -0.98
C SER A 91 -31.08 5.47 0.42
N SER A 92 -30.21 6.19 1.12
CA SER A 92 -30.47 6.64 2.50
C SER A 92 -29.49 7.75 2.87
N TYR A 93 -29.23 7.88 4.17
CA TYR A 93 -28.31 8.88 4.71
C TYR A 93 -27.91 8.47 6.12
N PRO A 94 -26.59 8.45 6.41
CA PRO A 94 -25.56 8.80 5.44
C PRO A 94 -25.32 7.66 4.47
N ILE A 95 -24.60 7.94 3.40
CA ILE A 95 -24.28 6.93 2.41
C ILE A 95 -23.27 5.98 3.05
N THR A 96 -23.39 4.68 2.78
CA THR A 96 -22.49 3.73 3.40
C THR A 96 -21.82 2.78 2.43
N PHE A 97 -20.60 2.37 2.78
CA PHE A 97 -19.82 1.45 1.98
C PHE A 97 -19.80 0.13 2.71
N GLY A 98 -19.40 -0.92 2.00
CA GLY A 98 -19.33 -2.24 2.58
C GLY A 98 -17.97 -2.48 3.22
N SER A 99 -17.91 -3.51 4.04
CA SER A 99 -16.68 -3.85 4.73
C SER A 99 -15.51 -4.16 3.78
N GLY A 100 -15.78 -4.82 2.67
CA GLY A 100 -14.73 -5.13 1.71
C GLY A 100 -14.39 -6.60 1.57
N THR A 101 -13.85 -6.96 0.41
CA THR A 101 -13.45 -8.33 0.14
C THR A 101 -12.17 -8.29 -0.65
N LYS A 102 -11.14 -8.92 -0.13
CA LYS A 102 -9.84 -8.96 -0.82
C LYS A 102 -9.74 -10.31 -1.54
N LEU A 103 -9.61 -10.25 -2.85
CA LEU A 103 -9.52 -11.45 -3.68
C LEU A 103 -8.07 -11.70 -4.07
N GLU A 104 -7.56 -12.89 -3.78
CA GLU A 104 -6.18 -13.22 -4.10
C GLU A 104 -6.16 -14.22 -5.25
N ILE A 105 -5.09 -14.21 -6.05
CA ILE A 105 -4.94 -15.15 -7.17
C ILE A 105 -4.03 -16.33 -6.76
N LYS A 106 -4.57 -17.55 -6.77
CA LYS A 106 -3.81 -18.74 -6.41
C LYS A 106 -2.83 -19.12 -7.50
N ARG A 107 -1.88 -19.98 -7.11
CA ARG A 107 -0.85 -20.46 -8.02
C ARG A 107 -0.20 -21.64 -7.35
N ALA A 108 0.53 -22.43 -8.12
CA ALA A 108 1.24 -23.59 -7.58
C ALA A 108 2.29 -23.09 -6.62
N ASP A 109 2.55 -23.89 -5.59
CA ASP A 109 3.53 -23.55 -4.55
C ASP A 109 4.94 -23.21 -5.05
N ALA A 110 5.57 -22.26 -4.37
CA ALA A 110 6.93 -21.83 -4.70
C ALA A 110 7.68 -21.56 -3.39
N ALA A 111 8.91 -22.05 -3.30
CA ALA A 111 9.75 -21.88 -2.11
C ALA A 111 10.63 -20.63 -2.19
N PRO A 112 10.85 -19.95 -1.05
CA PRO A 112 11.67 -18.74 -0.96
C PRO A 112 13.17 -18.88 -1.07
N THR A 113 13.80 -17.91 -1.72
CA THR A 113 15.25 -17.92 -1.81
C THR A 113 15.65 -16.96 -0.69
N VAL A 114 16.62 -17.37 0.12
CA VAL A 114 17.09 -16.59 1.25
C VAL A 114 18.46 -16.00 0.96
N SER A 115 18.76 -14.88 1.63
CA SER A 115 20.01 -14.16 1.50
C SER A 115 20.22 -13.41 2.79
N ILE A 116 21.44 -13.51 3.33
CA ILE A 116 21.80 -12.84 4.59
C ILE A 116 22.83 -11.74 4.29
N PHE A 117 22.64 -10.57 4.90
CA PHE A 117 23.55 -9.46 4.66
C PHE A 117 24.07 -8.89 5.96
N PRO A 118 25.41 -8.89 6.13
CA PRO A 118 26.02 -8.35 7.36
C PRO A 118 25.97 -6.82 7.33
N PRO A 119 26.26 -6.18 8.48
CA PRO A 119 26.26 -4.72 8.56
C PRO A 119 27.29 -4.11 7.61
N SER A 120 27.16 -2.83 7.31
CA SER A 120 28.15 -2.19 6.44
C SER A 120 29.14 -1.42 7.31
N SER A 121 30.36 -1.25 6.79
CA SER A 121 31.41 -0.52 7.50
C SER A 121 30.94 0.89 7.89
N GLU A 122 30.21 1.53 6.98
CA GLU A 122 29.68 2.88 7.19
C GLU A 122 28.75 2.96 8.40
N GLN A 123 27.84 2.00 8.54
CA GLN A 123 26.94 2.01 9.68
C GLN A 123 27.72 1.68 10.94
N LEU A 124 28.70 0.79 10.82
CA LEU A 124 29.52 0.42 11.98
C LEU A 124 30.29 1.64 12.46
N THR A 125 30.77 2.45 11.52
CA THR A 125 31.51 3.66 11.87
C THR A 125 30.68 4.43 12.87
N SER A 126 29.40 4.61 12.53
CA SER A 126 28.46 5.33 13.38
C SER A 126 28.17 4.60 14.70
N GLY A 127 28.45 3.29 14.74
CA GLY A 127 28.25 2.52 15.96
C GLY A 127 26.99 1.70 16.11
N GLY A 128 26.30 1.44 14.99
CA GLY A 128 25.08 0.65 15.04
C GLY A 128 25.21 -0.50 14.07
N ALA A 129 24.47 -1.58 14.27
CA ALA A 129 24.59 -2.73 13.37
C ALA A 129 23.26 -3.39 13.02
N SER A 130 22.89 -3.28 11.74
CA SER A 130 21.67 -3.86 11.24
C SER A 130 22.01 -5.02 10.29
N VAL A 131 21.48 -6.20 10.59
CA VAL A 131 21.70 -7.40 9.79
C VAL A 131 20.38 -7.60 9.05
N VAL A 132 20.45 -7.74 7.72
CA VAL A 132 19.25 -7.90 6.90
C VAL A 132 19.11 -9.28 6.22
N CYS A 133 17.87 -9.76 6.10
CA CYS A 133 17.60 -11.05 5.46
C CYS A 133 16.41 -10.95 4.49
N PHE A 134 16.60 -11.36 3.24
CA PHE A 134 15.53 -11.30 2.24
C PHE A 134 14.97 -12.69 1.89
N LEU A 135 13.67 -12.88 2.14
CA LEU A 135 12.97 -14.12 1.83
C LEU A 135 12.17 -13.77 0.58
N ASN A 136 12.70 -14.12 -0.60
CA ASN A 136 12.07 -13.74 -1.86
C ASN A 136 11.37 -14.78 -2.74
N ASN A 137 10.31 -14.32 -3.41
CA ASN A 137 9.52 -15.09 -4.37
C ASN A 137 8.95 -16.42 -3.92
N PHE A 138 8.27 -16.43 -2.79
CA PHE A 138 7.64 -17.65 -2.29
C PHE A 138 6.16 -17.46 -2.44
N TYR A 139 5.39 -18.53 -2.58
CA TYR A 139 3.97 -18.28 -2.72
C TYR A 139 3.15 -18.17 -1.44
N PRO A 140 2.66 -19.30 -0.89
CA PRO A 140 1.86 -19.13 0.34
C PRO A 140 2.45 -18.06 1.26
N LYS A 141 1.69 -16.99 1.49
CA LYS A 141 2.13 -15.90 2.34
C LYS A 141 2.62 -16.38 3.70
N ASP A 142 1.90 -17.30 4.31
CA ASP A 142 2.31 -17.82 5.62
C ASP A 142 3.75 -18.29 5.57
N ILE A 143 4.59 -17.65 6.37
CA ILE A 143 5.99 -18.01 6.49
C ILE A 143 6.37 -17.55 7.89
N ASN A 144 7.31 -18.25 8.51
CA ASN A 144 7.74 -17.90 9.86
C ASN A 144 9.24 -17.66 9.80
N VAL A 145 9.67 -16.53 10.34
CA VAL A 145 11.09 -16.16 10.35
C VAL A 145 11.58 -15.94 11.78
N LYS A 146 12.74 -16.51 12.09
CA LYS A 146 13.37 -16.39 13.40
C LYS A 146 14.85 -16.04 13.22
N TRP A 147 15.43 -15.47 14.26
CA TRP A 147 16.84 -15.11 14.25
C TRP A 147 17.57 -15.81 15.40
N LYS A 148 18.78 -16.24 15.15
CA LYS A 148 19.57 -16.90 16.15
C LYS A 148 20.97 -16.30 16.19
N ILE A 149 21.40 -15.96 17.40
CA ILE A 149 22.72 -15.39 17.65
C ILE A 149 23.45 -16.44 18.47
N ASP A 150 24.49 -17.03 17.87
CA ASP A 150 25.27 -18.08 18.51
C ASP A 150 24.33 -19.18 19.02
N GLY A 151 23.37 -19.56 18.18
CA GLY A 151 22.44 -20.59 18.56
C GLY A 151 21.22 -20.13 19.34
N SER A 152 21.27 -18.96 19.97
CA SER A 152 20.12 -18.47 20.72
C SER A 152 19.14 -17.61 19.93
N GLU A 153 17.85 -17.87 20.09
CA GLU A 153 16.81 -17.12 19.40
C GLU A 153 16.70 -15.73 20.01
N ARG A 154 16.28 -14.75 19.20
CA ARG A 154 16.09 -13.40 19.71
C ARG A 154 14.89 -12.75 19.07
N GLN A 155 13.97 -12.30 19.91
CA GLN A 155 12.78 -11.60 19.45
C GLN A 155 12.76 -10.24 20.14
N ASN A 156 13.69 -9.38 19.72
CA ASN A 156 13.82 -8.03 20.27
C ASN A 156 14.64 -7.27 19.26
N GLY A 157 14.10 -6.15 18.79
CA GLY A 157 14.80 -5.35 17.81
C GLY A 157 14.64 -5.91 16.42
N VAL A 158 13.49 -6.55 16.18
CA VAL A 158 13.17 -7.16 14.89
C VAL A 158 12.06 -6.40 14.18
N LEU A 159 12.33 -6.01 12.94
CA LEU A 159 11.40 -5.24 12.13
C LEU A 159 11.15 -6.02 10.84
N ASN A 160 9.89 -6.30 10.53
CA ASN A 160 9.52 -7.06 9.33
C ASN A 160 8.60 -6.28 8.38
N SER A 161 8.63 -6.63 7.09
CA SER A 161 7.80 -5.99 6.08
C SER A 161 7.50 -6.94 4.93
N TRP A 162 6.29 -6.86 4.39
CA TRP A 162 5.88 -7.73 3.30
C TRP A 162 5.40 -6.98 2.06
N THR A 163 5.70 -7.52 0.89
CA THR A 163 5.26 -6.90 -0.35
C THR A 163 3.88 -7.43 -0.72
N ASP A 164 3.26 -6.77 -1.70
CA ASP A 164 1.95 -7.16 -2.19
C ASP A 164 2.21 -8.27 -3.20
N GLN A 165 1.19 -9.10 -3.46
CA GLN A 165 1.30 -10.18 -4.42
C GLN A 165 1.85 -9.60 -5.73
N ASP A 166 2.89 -10.20 -6.28
CA ASP A 166 3.48 -9.68 -7.51
C ASP A 166 2.55 -9.84 -8.71
N SER A 167 2.57 -8.86 -9.62
CA SER A 167 1.70 -8.85 -10.81
C SER A 167 2.11 -9.83 -11.89
N LYS A 168 3.41 -9.88 -12.18
CA LYS A 168 3.92 -10.79 -13.21
C LYS A 168 3.86 -12.27 -12.82
N ASP A 169 4.16 -12.60 -11.58
CA ASP A 169 4.15 -14.00 -11.20
C ASP A 169 3.31 -14.42 -9.99
N SER A 170 2.54 -13.49 -9.42
CA SER A 170 1.65 -13.79 -8.29
C SER A 170 2.32 -14.28 -7.02
N THR A 171 3.62 -14.07 -6.92
CA THR A 171 4.40 -14.50 -5.77
C THR A 171 4.47 -13.46 -4.61
N TYR A 172 5.30 -13.73 -3.59
CA TYR A 172 5.47 -12.83 -2.45
C TYR A 172 6.95 -12.72 -2.04
N SER A 173 7.27 -11.64 -1.33
CA SER A 173 8.62 -11.39 -0.82
C SER A 173 8.48 -10.78 0.57
N MET A 174 9.51 -10.97 1.39
CA MET A 174 9.54 -10.46 2.77
C MET A 174 10.96 -10.04 3.16
N SER A 175 11.06 -9.04 4.04
CA SER A 175 12.33 -8.53 4.51
C SER A 175 12.34 -8.53 6.03
N SER A 176 13.47 -8.92 6.60
CA SER A 176 13.59 -8.98 8.06
C SER A 176 14.88 -8.29 8.45
N THR A 177 14.77 -7.31 9.36
CA THR A 177 15.91 -6.56 9.82
C THR A 177 16.01 -6.56 11.33
N LEU A 178 17.20 -6.92 11.82
CA LEU A 178 17.53 -7.00 13.23
C LEU A 178 18.55 -5.91 13.52
N THR A 179 18.20 -4.96 14.38
CA THR A 179 19.13 -3.89 14.70
C THR A 179 19.66 -3.98 16.12
N LEU A 180 20.98 -3.97 16.22
CA LEU A 180 21.67 -4.07 17.50
C LEU A 180 22.70 -2.94 17.59
N THR A 181 23.26 -2.74 18.78
CA THR A 181 24.31 -1.74 18.98
C THR A 181 25.61 -2.41 18.52
N LYS A 182 26.59 -1.63 18.10
CA LYS A 182 27.86 -2.22 17.67
C LYS A 182 28.43 -3.12 18.77
N ASP A 183 28.15 -2.79 20.02
CA ASP A 183 28.63 -3.58 21.16
C ASP A 183 28.01 -4.98 21.12
N GLU A 184 26.68 -5.04 21.18
CA GLU A 184 25.97 -6.32 21.13
C GLU A 184 26.41 -7.13 19.93
N TYR A 185 26.63 -6.45 18.81
CA TYR A 185 27.03 -7.11 17.57
C TYR A 185 28.43 -7.74 17.64
N GLU A 186 29.43 -6.96 18.01
CA GLU A 186 30.79 -7.50 18.08
C GLU A 186 31.08 -8.38 19.32
N ARG A 187 30.02 -8.63 20.09
CA ARG A 187 30.10 -9.44 21.28
C ARG A 187 29.55 -10.84 20.98
N HIS A 188 29.47 -11.20 19.70
CA HIS A 188 28.97 -12.51 19.28
C HIS A 188 29.63 -12.90 17.95
N ASN A 189 29.43 -14.14 17.51
CA ASN A 189 30.07 -14.60 16.28
C ASN A 189 29.21 -15.19 15.16
N SER A 190 28.05 -15.74 15.48
CA SER A 190 27.19 -16.30 14.44
C SER A 190 25.79 -15.68 14.42
N TYR A 191 25.30 -15.42 13.21
CA TYR A 191 23.98 -14.83 12.98
C TYR A 191 23.25 -15.67 11.95
N THR A 192 22.07 -16.17 12.32
CA THR A 192 21.28 -17.05 11.46
C THR A 192 19.85 -16.57 11.22
N CYS A 193 19.44 -16.62 9.95
CA CYS A 193 18.10 -16.25 9.53
C CYS A 193 17.42 -17.61 9.28
N GLU A 194 16.32 -17.88 9.97
CA GLU A 194 15.63 -19.17 9.82
C GLU A 194 14.14 -19.07 9.46
N ALA A 195 13.78 -19.64 8.32
CA ALA A 195 12.40 -19.61 7.84
C ALA A 195 11.75 -21.00 7.75
N THR A 196 10.50 -21.11 8.18
CA THR A 196 9.75 -22.37 8.12
C THR A 196 8.52 -22.24 7.21
N HIS A 197 8.63 -22.80 6.02
CA HIS A 197 7.55 -22.72 5.04
C HIS A 197 7.07 -24.11 4.65
N LYS A 198 5.80 -24.23 4.25
CA LYS A 198 5.22 -25.52 3.85
C LYS A 198 5.96 -26.25 2.73
N THR A 199 6.64 -25.52 1.86
CA THR A 199 7.37 -26.17 0.77
C THR A 199 8.51 -27.05 1.30
N SER A 200 8.66 -27.09 2.63
CA SER A 200 9.72 -27.87 3.24
C SER A 200 9.31 -28.28 4.64
N THR A 201 9.71 -29.49 5.03
CA THR A 201 9.38 -30.03 6.34
C THR A 201 10.33 -29.51 7.42
N SER A 202 11.55 -29.16 7.03
CA SER A 202 12.52 -28.64 7.98
C SER A 202 12.77 -27.20 7.61
N PRO A 203 13.11 -26.35 8.61
CA PRO A 203 13.38 -24.94 8.36
C PRO A 203 14.59 -24.71 7.47
N ILE A 204 14.53 -23.65 6.68
CA ILE A 204 15.63 -23.28 5.79
C ILE A 204 16.45 -22.23 6.55
N VAL A 205 17.77 -22.36 6.51
CA VAL A 205 18.64 -21.43 7.22
C VAL A 205 19.73 -20.87 6.32
N LYS A 206 20.17 -19.67 6.66
CA LYS A 206 21.24 -18.97 5.95
C LYS A 206 21.98 -18.27 7.08
N SER A 207 23.31 -18.36 7.09
CA SER A 207 24.11 -17.75 8.15
C SER A 207 25.49 -17.30 7.71
N PHE A 208 26.08 -16.42 8.51
CA PHE A 208 27.44 -15.95 8.24
C PHE A 208 28.13 -15.84 9.62
N ASN A 209 29.45 -15.99 9.65
CA ASN A 209 30.20 -15.88 10.92
C ASN A 209 30.95 -14.56 10.88
N ARG A 210 30.71 -13.71 11.88
CA ARG A 210 31.36 -12.42 11.94
C ARG A 210 32.87 -12.55 12.15
N GLN B 1 -12.85 14.41 -21.64
CA GLN B 1 -13.88 14.64 -20.59
C GLN B 1 -13.54 13.80 -19.36
N GLY B 2 -12.80 14.37 -18.41
CA GLY B 2 -12.45 13.63 -17.21
C GLY B 2 -11.01 13.70 -16.74
N GLN B 3 -10.82 14.33 -15.59
CA GLN B 3 -9.50 14.50 -14.99
C GLN B 3 -9.71 15.40 -13.77
N LEU B 4 -9.30 14.93 -12.61
CA LEU B 4 -9.41 15.72 -11.38
C LEU B 4 -8.03 15.74 -10.71
N GLN B 5 -7.62 16.91 -10.27
CA GLN B 5 -6.33 17.08 -9.63
C GLN B 5 -6.45 17.46 -8.17
N GLN B 6 -5.80 16.70 -7.31
CA GLN B 6 -5.80 16.97 -5.90
C GLN B 6 -4.43 17.49 -5.48
N SER B 7 -4.36 18.00 -4.25
CA SER B 7 -3.12 18.56 -3.71
C SER B 7 -2.06 17.51 -3.37
N GLY B 8 -0.89 18.03 -2.99
CA GLY B 8 0.21 17.17 -2.58
C GLY B 8 0.03 16.78 -1.13
N ALA B 9 0.91 15.90 -0.66
CA ALA B 9 0.89 15.39 0.69
C ALA B 9 1.05 16.49 1.76
N GLU B 10 0.40 16.28 2.91
CA GLU B 10 0.42 17.22 4.03
C GLU B 10 0.88 16.58 5.35
N LEU B 11 1.49 17.40 6.21
CA LEU B 11 1.93 16.97 7.56
C LEU B 11 1.52 18.13 8.45
N VAL B 12 0.53 17.91 9.31
CA VAL B 12 0.07 18.95 10.22
C VAL B 12 0.19 18.50 11.66
N ARG B 13 0.51 19.44 12.53
CA ARG B 13 0.66 19.14 13.94
C ARG B 13 -0.72 19.04 14.58
N PRO B 14 -0.89 18.18 15.59
CA PRO B 14 -2.21 18.05 16.23
C PRO B 14 -2.78 19.43 16.59
N GLY B 15 -4.10 19.55 16.59
CA GLY B 15 -4.73 20.82 16.90
C GLY B 15 -4.85 21.75 15.70
N SER B 16 -3.95 21.59 14.73
CA SER B 16 -3.88 22.41 13.50
C SER B 16 -5.09 22.25 12.52
N SER B 17 -4.87 22.62 11.26
CA SER B 17 -5.90 22.51 10.22
C SER B 17 -5.32 22.60 8.81
N VAL B 18 -6.00 21.93 7.87
CA VAL B 18 -5.58 21.92 6.47
C VAL B 18 -6.75 22.25 5.53
N LYS B 19 -6.40 22.73 4.34
CA LYS B 19 -7.34 23.07 3.30
C LYS B 19 -6.83 22.36 2.06
N ILE B 20 -7.62 21.44 1.52
CA ILE B 20 -7.23 20.69 0.34
C ILE B 20 -8.18 20.95 -0.83
N SER B 21 -7.60 21.01 -2.02
CA SER B 21 -8.33 21.29 -3.25
C SER B 21 -8.42 20.16 -4.29
N CYS B 22 -9.51 20.16 -5.04
CA CYS B 22 -9.74 19.19 -6.10
C CYS B 22 -10.13 20.06 -7.28
N LYS B 23 -9.43 19.95 -8.40
CA LYS B 23 -9.71 20.78 -9.58
C LYS B 23 -10.38 20.04 -10.73
N ALA B 24 -11.53 20.56 -11.16
CA ALA B 24 -12.31 20.00 -12.26
C ALA B 24 -11.64 20.34 -13.59
N SER B 25 -11.20 19.31 -14.30
CA SER B 25 -10.48 19.51 -15.56
C SER B 25 -11.15 19.05 -16.85
N GLY B 26 -12.42 19.39 -17.07
CA GLY B 26 -13.04 19.00 -18.33
C GLY B 26 -14.50 18.58 -18.39
N TYR B 27 -15.39 19.37 -17.79
CA TYR B 27 -16.83 19.08 -17.78
C TYR B 27 -17.57 20.22 -17.06
N ALA B 28 -18.90 20.16 -17.06
CA ALA B 28 -19.73 21.20 -16.43
C ALA B 28 -19.71 21.19 -14.90
N PHE B 29 -18.64 21.75 -14.33
CA PHE B 29 -18.44 21.79 -12.88
C PHE B 29 -19.64 22.00 -11.95
N SER B 30 -20.47 23.01 -12.23
CA SER B 30 -21.61 23.28 -11.36
C SER B 30 -22.84 22.47 -11.69
N SER B 31 -22.65 21.39 -12.45
CA SER B 31 -23.75 20.52 -12.85
C SER B 31 -23.83 19.22 -12.05
N PHE B 32 -22.81 18.95 -11.24
CA PHE B 32 -22.79 17.73 -10.45
C PHE B 32 -22.28 17.95 -9.03
N TRP B 33 -22.68 17.05 -8.13
CA TRP B 33 -22.26 17.12 -6.74
C TRP B 33 -20.84 16.56 -6.64
N VAL B 34 -20.05 17.04 -5.69
CA VAL B 34 -18.70 16.55 -5.49
C VAL B 34 -18.66 15.85 -4.13
N ASN B 35 -18.11 14.64 -4.10
CA ASN B 35 -18.07 13.84 -2.87
C ASN B 35 -16.68 13.67 -2.30
N TRP B 36 -16.60 13.62 -0.97
CA TRP B 36 -15.34 13.45 -0.28
C TRP B 36 -15.39 12.19 0.58
N VAL B 37 -14.50 11.25 0.27
CA VAL B 37 -14.46 10.00 1.02
C VAL B 37 -13.10 9.83 1.71
N LYS B 38 -13.14 9.19 2.88
CA LYS B 38 -11.98 8.94 3.72
C LYS B 38 -11.63 7.44 3.81
N GLN B 39 -10.33 7.14 3.81
CA GLN B 39 -9.84 5.75 3.91
C GLN B 39 -8.58 5.70 4.79
N ARG B 40 -8.67 5.05 5.94
CA ARG B 40 -7.51 4.94 6.83
C ARG B 40 -6.64 3.75 6.38
N PRO B 41 -5.30 3.85 6.55
CA PRO B 41 -4.35 2.79 6.16
C PRO B 41 -4.85 1.35 6.32
N GLY B 42 -4.78 0.61 5.22
CA GLY B 42 -5.22 -0.77 5.19
C GLY B 42 -6.65 -0.97 5.65
N GLN B 43 -7.46 0.08 5.57
CA GLN B 43 -8.85 0.00 6.01
C GLN B 43 -9.87 0.40 4.94
N GLY B 44 -11.14 0.48 5.35
CA GLY B 44 -12.21 0.81 4.41
C GLY B 44 -12.57 2.26 4.12
N LEU B 45 -13.58 2.43 3.27
CA LEU B 45 -14.07 3.73 2.82
C LEU B 45 -15.22 4.28 3.67
N GLU B 46 -15.24 5.60 3.86
CA GLU B 46 -16.27 6.27 4.65
C GLU B 46 -16.70 7.57 3.97
N TRP B 47 -18.00 7.79 3.84
CA TRP B 47 -18.52 8.98 3.16
C TRP B 47 -18.62 10.23 4.05
N ILE B 48 -17.95 11.31 3.64
CA ILE B 48 -17.97 12.54 4.42
C ILE B 48 -19.17 13.43 4.07
N GLY B 49 -19.16 13.97 2.85
CA GLY B 49 -20.24 14.82 2.43
C GLY B 49 -20.11 15.19 0.97
N GLN B 50 -21.07 15.98 0.52
CA GLN B 50 -21.13 16.42 -0.87
C GLN B 50 -21.63 17.85 -0.92
N ILE B 51 -21.30 18.53 -2.00
CA ILE B 51 -21.72 19.90 -2.21
C ILE B 51 -22.04 20.07 -3.68
N TYR B 52 -23.09 20.84 -3.96
CA TYR B 52 -23.45 21.13 -5.33
C TYR B 52 -22.94 22.55 -5.51
N PRO B 53 -21.84 22.71 -6.26
CA PRO B 53 -21.23 24.02 -6.51
C PRO B 53 -22.21 25.11 -6.97
N GLY B 54 -22.96 24.82 -8.03
CA GLY B 54 -23.92 25.76 -8.57
C GLY B 54 -24.62 26.66 -7.58
N ASP B 55 -25.32 26.06 -6.63
CA ASP B 55 -26.04 26.82 -5.62
C ASP B 55 -25.44 26.66 -4.22
N GLY B 56 -24.22 26.12 -4.16
CA GLY B 56 -23.54 25.91 -2.89
C GLY B 56 -24.28 25.10 -1.83
N ASP B 57 -25.23 24.27 -2.23
CA ASP B 57 -25.95 23.46 -1.24
C ASP B 57 -25.01 22.35 -0.77
N ASN B 58 -25.31 21.75 0.38
CA ASN B 58 -24.43 20.72 0.91
C ASN B 58 -25.09 19.80 1.91
N LYS B 59 -24.60 18.57 1.98
CA LYS B 59 -25.11 17.57 2.92
C LYS B 59 -23.89 17.01 3.62
N TYR B 60 -23.99 16.79 4.93
CA TYR B 60 -22.89 16.29 5.74
C TYR B 60 -23.17 15.02 6.53
N ASN B 61 -22.21 14.08 6.50
CA ASN B 61 -22.37 12.87 7.27
C ASN B 61 -22.28 13.32 8.72
N GLY B 62 -23.26 12.94 9.52
CA GLY B 62 -23.28 13.33 10.92
C GLY B 62 -21.94 13.29 11.64
N LYS B 63 -21.28 12.14 11.59
CA LYS B 63 -20.00 11.94 12.25
C LYS B 63 -19.00 13.06 11.99
N PHE B 64 -19.05 13.67 10.81
CA PHE B 64 -18.12 14.74 10.47
C PHE B 64 -18.70 16.16 10.48
N LYS B 65 -19.62 16.44 11.39
CA LYS B 65 -20.25 17.77 11.46
C LYS B 65 -19.38 18.96 11.84
N GLY B 66 -18.70 18.92 12.99
CA GLY B 66 -17.85 20.04 13.35
C GLY B 66 -16.49 20.00 12.67
N LYS B 67 -16.05 18.80 12.32
CA LYS B 67 -14.77 18.58 11.69
C LYS B 67 -14.68 19.04 10.23
N ALA B 68 -15.76 18.85 9.47
CA ALA B 68 -15.71 19.20 8.06
C ALA B 68 -16.51 20.43 7.62
N THR B 69 -16.02 21.06 6.55
CA THR B 69 -16.65 22.23 5.96
C THR B 69 -16.22 22.24 4.49
N LEU B 70 -17.20 22.24 3.60
CA LEU B 70 -16.95 22.16 2.16
C LEU B 70 -17.19 23.47 1.40
N THR B 71 -16.37 23.72 0.38
CA THR B 71 -16.46 24.95 -0.41
C THR B 71 -15.95 24.72 -1.84
N ALA B 72 -16.33 25.60 -2.77
CA ALA B 72 -15.89 25.47 -4.16
C ALA B 72 -15.87 26.81 -4.95
N ASP B 73 -14.80 27.01 -5.70
CA ASP B 73 -14.59 28.22 -6.51
C ASP B 73 -15.15 27.98 -7.91
N LYS B 74 -16.38 28.42 -8.16
CA LYS B 74 -17.01 28.25 -9.47
C LYS B 74 -16.19 28.85 -10.62
N SER B 75 -15.56 30.00 -10.37
CA SER B 75 -14.76 30.67 -11.38
C SER B 75 -13.65 29.77 -11.90
N SER B 76 -13.08 28.97 -10.99
CA SER B 76 -11.98 28.07 -11.34
C SER B 76 -12.35 26.59 -11.23
N THR B 77 -13.63 26.32 -11.02
CA THR B 77 -14.16 24.97 -10.90
C THR B 77 -13.32 24.11 -9.95
N THR B 78 -13.24 24.53 -8.70
CA THR B 78 -12.44 23.80 -7.74
C THR B 78 -13.19 23.56 -6.45
N ALA B 79 -13.02 22.36 -5.88
CA ALA B 79 -13.66 22.00 -4.63
C ALA B 79 -12.61 22.17 -3.52
N TYR B 80 -13.08 22.38 -2.29
CA TYR B 80 -12.20 22.58 -1.15
C TYR B 80 -12.83 21.95 0.09
N MET B 81 -12.00 21.34 0.92
CA MET B 81 -12.45 20.71 2.17
C MET B 81 -11.42 21.08 3.24
N GLN B 82 -11.90 21.55 4.38
CA GLN B 82 -11.03 21.91 5.48
C GLN B 82 -11.41 21.08 6.68
N LEU B 83 -10.39 20.61 7.40
CA LEU B 83 -10.57 19.78 8.58
C LEU B 83 -10.11 20.59 9.80
N TYR B 84 -10.73 20.36 10.96
CA TYR B 84 -10.38 21.13 12.15
C TYR B 84 -10.03 20.29 13.37
N SER B 85 -9.26 20.88 14.29
CA SER B 85 -8.82 20.20 15.52
C SER B 85 -8.32 18.79 15.21
N LEU B 86 -7.41 18.71 14.24
CA LEU B 86 -6.86 17.45 13.78
C LEU B 86 -6.23 16.59 14.87
N THR B 87 -6.43 15.29 14.75
CA THR B 87 -5.91 14.32 15.71
C THR B 87 -5.36 13.12 14.97
N SER B 88 -4.93 12.11 15.70
CA SER B 88 -4.38 10.89 15.13
C SER B 88 -5.40 10.15 14.29
N GLU B 89 -6.68 10.33 14.58
CA GLU B 89 -7.74 9.66 13.83
C GLU B 89 -7.97 10.29 12.45
N ASP B 90 -7.50 11.51 12.24
CA ASP B 90 -7.69 12.17 10.96
C ASP B 90 -6.59 11.84 9.95
N SER B 91 -5.64 11.00 10.33
CA SER B 91 -4.59 10.63 9.40
C SER B 91 -5.18 9.58 8.46
N ALA B 92 -5.27 9.93 7.18
CA ALA B 92 -5.80 9.02 6.18
C ALA B 92 -5.62 9.64 4.81
N VAL B 93 -6.05 8.91 3.78
CA VAL B 93 -6.00 9.41 2.41
C VAL B 93 -7.43 9.86 2.09
N TYR B 94 -7.54 11.08 1.55
CA TYR B 94 -8.85 11.65 1.22
C TYR B 94 -9.03 11.66 -0.28
N PHE B 95 -10.26 11.41 -0.74
CA PHE B 95 -10.59 11.40 -2.17
C PHE B 95 -11.76 12.31 -2.48
N CYS B 96 -11.74 12.87 -3.69
CA CYS B 96 -12.85 13.70 -4.19
C CYS B 96 -13.46 12.86 -5.32
N ALA B 97 -14.78 12.82 -5.39
CA ALA B 97 -15.49 12.04 -6.40
C ALA B 97 -16.71 12.74 -6.99
N ARG B 98 -16.79 12.75 -8.33
CA ARG B 98 -17.93 13.35 -9.05
C ARG B 98 -19.14 12.42 -9.20
N SER B 99 -20.31 12.92 -8.80
CA SER B 99 -21.53 12.14 -8.96
C SER B 99 -22.13 12.50 -10.32
N GLY B 100 -23.08 11.68 -10.78
CA GLY B 100 -23.74 11.91 -12.05
C GLY B 100 -25.23 11.97 -11.79
N ASN B 101 -26.05 11.90 -12.84
CA ASN B 101 -27.50 11.93 -12.68
C ASN B 101 -28.02 10.60 -12.16
N TYR B 102 -29.35 10.46 -12.03
CA TYR B 102 -30.01 9.27 -11.47
C TYR B 102 -29.28 8.15 -10.76
N PRO B 103 -28.64 7.22 -11.51
CA PRO B 103 -27.96 6.18 -10.73
C PRO B 103 -27.14 6.82 -9.59
N TYR B 104 -26.54 7.98 -9.87
CA TYR B 104 -25.74 8.74 -8.93
C TYR B 104 -24.45 7.99 -8.63
N ALA B 105 -23.81 7.50 -9.68
CA ALA B 105 -22.57 6.78 -9.57
C ALA B 105 -21.38 7.72 -9.66
N MET B 106 -20.48 7.62 -8.69
CA MET B 106 -19.29 8.45 -8.67
C MET B 106 -18.40 7.89 -9.76
N ASP B 107 -18.46 8.50 -10.93
CA ASP B 107 -17.69 8.06 -12.08
C ASP B 107 -16.19 8.25 -11.94
N TYR B 108 -15.74 9.49 -11.91
CA TYR B 108 -14.32 9.76 -11.79
C TYR B 108 -13.90 10.20 -10.40
N TRP B 109 -12.75 9.70 -9.97
CA TRP B 109 -12.20 9.99 -8.66
C TRP B 109 -10.89 10.73 -8.80
N GLY B 110 -10.49 11.40 -7.73
CA GLY B 110 -9.22 12.11 -7.71
C GLY B 110 -8.11 11.12 -7.35
N GLN B 111 -6.86 11.49 -7.61
CA GLN B 111 -5.75 10.60 -7.32
C GLN B 111 -5.60 10.29 -5.82
N GLY B 112 -6.11 11.18 -4.97
CA GLY B 112 -6.03 11.00 -3.54
C GLY B 112 -4.97 11.89 -2.92
N THR B 113 -5.23 12.36 -1.70
CA THR B 113 -4.30 13.23 -1.00
C THR B 113 -4.10 12.73 0.45
N SER B 114 -2.84 12.44 0.78
CA SER B 114 -2.47 11.90 2.08
C SER B 114 -2.22 12.99 3.12
N VAL B 115 -2.77 12.78 4.32
CA VAL B 115 -2.64 13.71 5.41
C VAL B 115 -2.10 12.98 6.65
N THR B 116 -1.09 13.56 7.28
CA THR B 116 -0.46 13.01 8.46
C THR B 116 -0.51 14.03 9.60
N VAL B 117 -1.18 13.69 10.69
CA VAL B 117 -1.28 14.57 11.84
C VAL B 117 -0.23 14.09 12.86
N SER B 118 0.91 14.75 12.93
CA SER B 118 1.97 14.36 13.86
C SER B 118 2.79 15.49 14.43
N SER B 119 3.54 15.17 15.49
CA SER B 119 4.40 16.14 16.17
C SER B 119 5.91 15.97 15.89
N ALA B 120 6.26 14.91 15.15
CA ALA B 120 7.64 14.64 14.79
C ALA B 120 8.17 15.68 13.81
N LYS B 121 9.49 15.86 13.78
CA LYS B 121 10.12 16.84 12.88
C LYS B 121 10.67 16.10 11.67
N THR B 122 10.80 16.79 10.53
CA THR B 122 11.32 16.13 9.34
C THR B 122 12.82 15.82 9.50
N THR B 123 13.15 14.56 9.33
CA THR B 123 14.52 14.05 9.46
C THR B 123 14.93 13.44 8.11
N ALA B 124 16.22 13.47 7.80
CA ALA B 124 16.70 12.91 6.54
C ALA B 124 17.04 11.44 6.75
N PRO B 125 17.18 10.67 5.67
CA PRO B 125 17.52 9.24 5.82
C PRO B 125 19.01 8.95 5.83
N SER B 126 19.33 7.67 5.96
CA SER B 126 20.70 7.17 5.94
C SER B 126 20.65 6.02 4.92
N VAL B 127 21.52 6.05 3.91
CA VAL B 127 21.52 5.00 2.89
C VAL B 127 22.77 4.13 3.00
N TYR B 128 22.60 2.86 3.39
CA TYR B 128 23.73 1.95 3.52
C TYR B 128 23.69 0.89 2.44
N PRO B 129 24.81 0.66 1.74
CA PRO B 129 24.87 -0.34 0.67
C PRO B 129 25.01 -1.76 1.23
N LEU B 130 24.14 -2.67 0.79
CA LEU B 130 24.20 -4.04 1.27
C LEU B 130 24.85 -4.98 0.28
N ALA B 131 26.13 -5.26 0.48
CA ALA B 131 26.87 -6.17 -0.39
C ALA B 131 26.72 -7.58 0.16
N PRO B 132 26.66 -8.55 -0.73
CA PRO B 132 26.49 -9.97 -0.36
C PRO B 132 27.74 -10.59 0.27
N VAL B 133 27.52 -11.71 0.93
CA VAL B 133 28.63 -12.45 1.55
C VAL B 133 28.76 -13.78 0.79
N CYS B 134 29.62 -13.77 -0.23
CA CYS B 134 29.89 -14.94 -1.09
C CYS B 134 29.21 -16.25 -0.70
N GLY B 135 28.08 -16.55 -1.33
CA GLY B 135 27.37 -17.79 -1.04
C GLY B 135 26.11 -17.58 -0.23
N GLY B 136 26.10 -16.54 0.59
CA GLY B 136 24.95 -16.22 1.43
C GLY B 136 23.63 -16.04 0.69
N THR B 137 23.68 -16.12 -0.64
CA THR B 137 22.49 -16.01 -1.49
C THR B 137 22.36 -17.34 -2.23
N THR B 138 21.13 -17.73 -2.55
CA THR B 138 20.94 -18.99 -3.26
C THR B 138 20.99 -18.74 -4.77
N GLY B 139 20.03 -19.32 -5.51
CA GLY B 139 19.98 -19.21 -6.96
C GLY B 139 19.78 -17.83 -7.54
N SER B 140 19.33 -17.81 -8.79
CA SER B 140 19.09 -16.57 -9.54
C SER B 140 20.38 -15.73 -9.52
N SER B 141 21.51 -16.42 -9.47
CA SER B 141 22.81 -15.78 -9.46
C SER B 141 23.12 -14.93 -8.24
N VAL B 142 22.92 -13.62 -8.32
CA VAL B 142 23.27 -12.72 -7.21
C VAL B 142 22.17 -11.72 -6.83
N THR B 143 22.12 -11.37 -5.55
CA THR B 143 21.13 -10.42 -5.01
C THR B 143 21.85 -9.36 -4.18
N LEU B 144 21.53 -8.10 -4.44
CA LEU B 144 22.11 -6.97 -3.74
C LEU B 144 21.00 -6.24 -2.99
N GLY B 145 21.35 -5.37 -2.06
CA GLY B 145 20.35 -4.64 -1.29
C GLY B 145 20.73 -3.21 -0.99
N CYS B 146 19.77 -2.45 -0.46
CA CYS B 146 19.99 -1.05 -0.10
C CYS B 146 19.03 -0.75 1.06
N LEU B 147 19.59 -0.44 2.23
CA LEU B 147 18.80 -0.13 3.43
C LEU B 147 18.70 1.39 3.59
N VAL B 148 17.48 1.87 3.81
CA VAL B 148 17.21 3.30 3.99
C VAL B 148 16.70 3.49 5.41
N LYS B 149 17.54 4.05 6.28
CA LYS B 149 17.14 4.23 7.68
C LYS B 149 16.89 5.64 8.22
N GLY B 150 15.89 5.71 9.10
CA GLY B 150 15.53 6.93 9.82
C GLY B 150 15.06 8.23 9.19
N TYR B 151 13.92 8.21 8.52
CA TYR B 151 13.34 9.41 7.90
C TYR B 151 11.90 9.54 8.39
N PHE B 152 11.38 10.76 8.57
CA PHE B 152 10.02 10.88 9.04
C PHE B 152 8.88 11.02 8.03
N PRO B 153 8.94 11.98 7.10
CA PRO B 153 7.77 11.94 6.22
C PRO B 153 7.93 10.75 5.25
N GLU B 154 6.94 9.86 5.25
CA GLU B 154 6.91 8.62 4.45
C GLU B 154 7.34 8.61 2.97
N PRO B 155 7.14 9.70 2.22
CA PRO B 155 7.58 9.58 0.82
C PRO B 155 9.10 9.51 0.57
N VAL B 156 9.53 8.46 -0.12
CA VAL B 156 10.94 8.24 -0.50
C VAL B 156 10.98 7.59 -1.88
N THR B 157 11.85 8.07 -2.77
CA THR B 157 11.96 7.50 -4.10
C THR B 157 13.25 6.69 -4.18
N LEU B 158 13.13 5.42 -4.57
CA LEU B 158 14.29 4.54 -4.68
C LEU B 158 14.35 3.95 -6.08
N THR B 159 15.53 4.01 -6.71
CA THR B 159 15.74 3.46 -8.06
C THR B 159 17.15 2.87 -8.20
N TRP B 160 17.35 2.04 -9.22
CA TRP B 160 18.64 1.41 -9.47
C TRP B 160 19.22 1.87 -10.80
N ASN B 161 20.42 2.47 -10.77
CA ASN B 161 21.07 2.94 -11.98
C ASN B 161 20.26 3.97 -12.74
N SER B 162 19.67 4.91 -12.00
CA SER B 162 18.86 5.98 -12.57
C SER B 162 17.60 5.54 -13.30
N GLY B 163 17.27 4.26 -13.15
CA GLY B 163 16.08 3.71 -13.80
C GLY B 163 16.37 2.65 -14.83
N SER B 164 17.60 2.64 -15.32
CA SER B 164 18.01 1.68 -16.34
C SER B 164 17.86 0.23 -15.87
N LEU B 165 17.85 0.03 -14.55
CA LEU B 165 17.75 -1.31 -13.98
C LEU B 165 16.44 -1.43 -13.23
N SER B 166 15.46 -2.04 -13.85
CA SER B 166 14.15 -2.20 -13.25
C SER B 166 13.69 -3.64 -13.08
N SER B 167 14.31 -4.56 -13.82
CA SER B 167 13.93 -5.96 -13.72
C SER B 167 14.60 -6.68 -12.54
N GLY B 168 13.77 -7.37 -11.74
CA GLY B 168 14.28 -8.12 -10.59
C GLY B 168 14.45 -7.35 -9.29
N VAL B 169 13.73 -6.25 -9.16
CA VAL B 169 13.79 -5.39 -7.97
C VAL B 169 12.60 -5.67 -7.06
N HIS B 170 12.73 -5.33 -5.78
CA HIS B 170 11.66 -5.50 -4.78
C HIS B 170 11.85 -4.42 -3.72
N THR B 171 10.96 -3.44 -3.67
CA THR B 171 11.06 -2.40 -2.65
C THR B 171 9.96 -2.75 -1.65
N PHE B 172 10.32 -2.85 -0.37
CA PHE B 172 9.36 -3.20 0.66
C PHE B 172 8.67 -2.02 1.36
N PRO B 173 7.39 -2.20 1.73
CA PRO B 173 6.63 -1.14 2.40
C PRO B 173 7.45 -0.61 3.58
N ALA B 174 7.30 0.67 3.89
CA ALA B 174 8.05 1.27 4.97
C ALA B 174 7.40 0.99 6.32
N VAL B 175 8.23 0.84 7.36
CA VAL B 175 7.71 0.60 8.71
C VAL B 175 8.22 1.73 9.62
N LEU B 176 7.50 1.97 10.71
CA LEU B 176 7.80 3.05 11.64
C LEU B 176 8.61 2.66 12.90
N GLN B 177 9.89 3.00 12.93
CA GLN B 177 10.74 2.70 14.09
C GLN B 177 10.62 3.82 15.12
N SER B 178 9.52 3.86 15.86
CA SER B 178 9.30 4.89 16.88
C SER B 178 9.59 6.31 16.37
N GLY B 179 8.60 6.92 15.71
CA GLY B 179 8.78 8.26 15.20
C GLY B 179 9.49 8.36 13.86
N LEU B 180 10.19 7.29 13.46
CA LEU B 180 10.91 7.30 12.19
C LEU B 180 10.54 6.12 11.27
N TYR B 181 10.99 6.17 10.02
CA TYR B 181 10.71 5.10 9.06
C TYR B 181 11.98 4.43 8.54
N THR B 182 11.83 3.19 8.06
CA THR B 182 12.93 2.42 7.50
C THR B 182 12.35 1.69 6.29
N LEU B 183 13.14 1.54 5.24
CA LEU B 183 12.70 0.86 4.03
C LEU B 183 13.92 0.13 3.45
N SER B 184 13.68 -0.85 2.58
CA SER B 184 14.77 -1.64 1.95
C SER B 184 14.37 -2.16 0.57
N SER B 185 15.35 -2.34 -0.31
CA SER B 185 15.10 -2.83 -1.66
C SER B 185 16.18 -3.82 -2.05
N SER B 186 15.83 -4.76 -2.92
CA SER B 186 16.78 -5.75 -3.40
C SER B 186 16.73 -5.86 -4.91
N VAL B 187 17.85 -6.28 -5.50
CA VAL B 187 17.93 -6.47 -6.93
C VAL B 187 18.73 -7.74 -7.18
N THR B 188 18.10 -8.69 -7.88
CA THR B 188 18.72 -9.95 -8.23
C THR B 188 19.18 -9.95 -9.68
N VAL B 189 20.50 -9.92 -9.85
CA VAL B 189 21.14 -9.90 -11.16
C VAL B 189 21.83 -11.23 -11.46
N THR B 190 22.25 -11.42 -12.71
CA THR B 190 22.94 -12.62 -13.12
C THR B 190 24.39 -12.54 -12.66
N SER B 191 25.03 -13.70 -12.49
CA SER B 191 26.39 -13.79 -12.02
C SER B 191 27.44 -12.93 -12.74
N SER B 192 27.47 -13.00 -14.07
CA SER B 192 28.43 -12.22 -14.86
C SER B 192 28.08 -10.73 -14.98
N THR B 193 27.11 -10.25 -14.21
CA THR B 193 26.68 -8.87 -14.30
C THR B 193 27.25 -7.88 -13.28
N TRP B 194 27.32 -8.31 -12.03
CA TRP B 194 27.75 -7.39 -10.98
C TRP B 194 29.12 -6.71 -10.93
N PRO B 195 30.13 -7.31 -10.26
CA PRO B 195 31.40 -6.58 -10.23
C PRO B 195 31.80 -6.08 -11.62
N SER B 196 31.65 -6.93 -12.63
CA SER B 196 31.98 -6.52 -14.00
C SER B 196 31.34 -5.20 -14.30
N GLN B 197 30.06 -5.08 -13.99
CA GLN B 197 29.33 -3.85 -14.25
C GLN B 197 29.12 -3.05 -12.98
N THR B 198 28.15 -2.15 -12.99
CA THR B 198 27.90 -1.33 -11.82
C THR B 198 26.43 -1.25 -11.44
N ILE B 199 26.18 -1.27 -10.15
CA ILE B 199 24.84 -1.17 -9.62
C ILE B 199 24.92 -0.12 -8.52
N THR B 200 23.98 0.79 -8.51
CA THR B 200 23.96 1.86 -7.54
C THR B 200 22.52 2.13 -7.15
N CYS B 201 22.23 2.24 -5.87
CA CYS B 201 20.87 2.57 -5.50
C CYS B 201 20.82 4.08 -5.37
N ASN B 202 19.80 4.68 -5.96
CA ASN B 202 19.59 6.12 -5.91
C ASN B 202 18.41 6.35 -4.97
N VAL B 203 18.58 7.24 -3.99
CA VAL B 203 17.51 7.53 -3.03
C VAL B 203 17.38 9.03 -2.90
N ALA B 204 16.15 9.50 -2.74
CA ALA B 204 15.86 10.92 -2.60
C ALA B 204 14.67 11.08 -1.68
N HIS B 205 14.81 11.94 -0.69
CA HIS B 205 13.74 12.21 0.27
C HIS B 205 13.25 13.62 0.02
N PRO B 206 12.02 13.77 -0.51
CA PRO B 206 11.40 15.07 -0.81
C PRO B 206 11.28 16.07 0.36
N ALA B 207 10.83 15.60 1.52
CA ALA B 207 10.67 16.50 2.66
C ALA B 207 11.96 17.11 3.22
N SER B 208 13.10 16.82 2.59
CA SER B 208 14.36 17.37 3.07
C SER B 208 15.42 17.52 1.98
N SER B 209 14.97 17.80 0.76
CA SER B 209 15.85 17.99 -0.39
C SER B 209 17.15 17.22 -0.33
N THR B 210 17.05 15.95 0.01
CA THR B 210 18.22 15.08 0.11
C THR B 210 18.24 14.11 -1.06
N LYS B 211 19.41 13.95 -1.66
CA LYS B 211 19.57 13.03 -2.77
C LYS B 211 20.89 12.28 -2.60
N VAL B 212 20.81 11.04 -2.11
CA VAL B 212 21.98 10.20 -1.87
C VAL B 212 22.14 9.15 -2.97
N ASP B 213 23.38 8.67 -3.15
CA ASP B 213 23.71 7.65 -4.13
C ASP B 213 24.72 6.67 -3.53
N LYS B 214 24.39 5.38 -3.55
CA LYS B 214 25.26 4.36 -2.98
C LYS B 214 25.61 3.26 -3.96
N LYS B 215 26.89 3.17 -4.30
CA LYS B 215 27.41 2.16 -5.23
C LYS B 215 27.70 0.90 -4.42
N ILE B 216 27.15 -0.24 -4.86
CA ILE B 216 27.34 -1.50 -4.17
C ILE B 216 28.71 -2.08 -4.51
N GLU B 217 29.68 -1.83 -3.63
CA GLU B 217 31.03 -2.31 -3.81
C GLU B 217 31.18 -3.64 -3.09
N PRO B 218 31.82 -4.63 -3.75
CA PRO B 218 32.00 -5.94 -3.13
C PRO B 218 32.93 -5.87 -1.93
N ARG B 219 32.76 -6.83 -1.02
CA ARG B 219 33.59 -6.91 0.17
C ARG B 219 34.86 -7.66 -0.24
#